data_5HVD
#
_entry.id   5HVD
#
_cell.length_a   109.580
_cell.length_b   109.580
_cell.length_c   209.710
_cell.angle_alpha   90.00
_cell.angle_beta   90.00
_cell.angle_gamma   90.00
#
_symmetry.space_group_name_H-M   'I 4 2 2'
#
loop_
_entity.id
_entity.type
_entity.pdbx_description
1 polymer 'Ion transport protein'
2 non-polymer 'SODIUM ION'
3 non-polymer HEGA-10
4 non-polymer 'DODECAETHYLENE GLYCOL'
5 non-polymer '2-(N-MORPHOLINO)-ETHANESULFONIC ACID'
6 water water
#
_entity_poly.entity_id   1
_entity_poly.type   'polypeptide(L)'
_entity_poly.pdbx_seq_one_letter_code
;GSHMSRKIRDLIESKRFQNVITAIIVLNGAVLGLLTDTTLSASSQNLLERVDQLCLTIFIVEISLKIYAYGVRGFFRSGW
NLFDFVIVAIALMPAQGSLSVLRTFRIFRVMRLVSVIPTMRRVVQGMLLALPGVGSVAALLTVVFYIAAVMATNLYGATF
PEWFGDLSKSLYTLFQVMTLESWSMGIVRPVMNVHPNAWVFFIPFIMLTTFTVLNLFIGICVDAMAITKEQEEEAKTGHH
QEPISQTLLHLGDRLDRIEKQLAQNNELLQRQQPQKK
;
_entity_poly.pdbx_strand_id   A
#
loop_
_chem_comp.id
_chem_comp.type
_chem_comp.name
_chem_comp.formula
12P non-polymer 'DODECAETHYLENE GLYCOL' 'C24 H50 O13'
2CV non-polymer HEGA-10 'C18 H37 N O7'
MES non-polymer '2-(N-MORPHOLINO)-ETHANESULFONIC ACID' 'C6 H13 N O4 S'
NA non-polymer 'SODIUM ION' 'Na 1'
#
# COMPACT_ATOMS: atom_id res chain seq x y z
N SER A 2 35.65 1.65 -10.73
CA SER A 2 36.53 2.31 -9.76
C SER A 2 36.38 1.73 -8.35
N HIS A 3 37.50 1.72 -7.60
CA HIS A 3 37.57 1.21 -6.23
C HIS A 3 36.73 2.05 -5.25
N MET A 4 36.62 3.37 -5.51
CA MET A 4 35.83 4.29 -4.67
C MET A 4 34.32 4.01 -4.78
N SER A 5 33.83 3.73 -6.01
CA SER A 5 32.43 3.39 -6.29
C SER A 5 32.03 2.12 -5.52
N ARG A 6 32.93 1.12 -5.49
CA ARG A 6 32.72 -0.14 -4.78
C ARG A 6 32.82 0.00 -3.26
N LYS A 7 33.74 0.88 -2.78
CA LYS A 7 33.90 1.16 -1.35
C LYS A 7 32.64 1.83 -0.79
N ILE A 8 32.02 2.75 -1.56
CA ILE A 8 30.78 3.45 -1.19
C ILE A 8 29.60 2.47 -1.22
N ARG A 9 29.47 1.66 -2.31
CA ARG A 9 28.42 0.64 -2.49
C ARG A 9 28.39 -0.31 -1.28
N ASP A 10 29.55 -0.85 -0.87
CA ASP A 10 29.69 -1.74 0.28
C ASP A 10 29.27 -1.09 1.60
N LEU A 11 29.45 0.25 1.71
CA LEU A 11 29.03 1.04 2.88
C LEU A 11 27.51 1.23 2.83
N ILE A 12 26.96 1.68 1.67
CA ILE A 12 25.53 1.89 1.40
C ILE A 12 24.77 0.60 1.75
N GLU A 13 25.28 -0.55 1.27
CA GLU A 13 24.71 -1.90 1.45
C GLU A 13 24.91 -2.52 2.84
N SER A 14 25.71 -1.89 3.73
CA SER A 14 25.95 -2.42 5.07
C SER A 14 24.76 -2.24 6.02
N LYS A 15 24.69 -3.08 7.08
CA LYS A 15 23.65 -3.06 8.10
C LYS A 15 23.72 -1.75 8.93
N ARG A 16 24.96 -1.30 9.28
CA ARG A 16 25.21 -0.07 10.05
C ARG A 16 24.64 1.18 9.37
N PHE A 17 24.90 1.35 8.06
CA PHE A 17 24.38 2.47 7.27
C PHE A 17 22.85 2.46 7.25
N GLN A 18 22.26 1.24 7.11
CA GLN A 18 20.81 1.07 7.12
C GLN A 18 20.25 1.46 8.49
N ASN A 19 20.92 1.06 9.59
CA ASN A 19 20.51 1.39 10.96
C ASN A 19 20.57 2.89 11.27
N VAL A 20 21.63 3.58 10.78
CA VAL A 20 21.82 5.02 10.96
C VAL A 20 20.67 5.78 10.26
N ILE A 21 20.40 5.44 8.98
CA ILE A 21 19.34 6.05 8.18
C ILE A 21 17.94 5.78 8.82
N THR A 22 17.71 4.55 9.35
CA THR A 22 16.46 4.16 10.04
C THR A 22 16.26 5.05 11.28
N ALA A 23 17.35 5.25 12.07
CA ALA A 23 17.36 6.08 13.28
C ALA A 23 17.06 7.53 12.96
N ILE A 24 17.52 8.02 11.80
CA ILE A 24 17.31 9.40 11.37
C ILE A 24 15.87 9.59 10.86
N ILE A 25 15.28 8.55 10.21
CA ILE A 25 13.87 8.58 9.77
C ILE A 25 12.99 8.67 11.02
N VAL A 26 13.28 7.85 12.06
CA VAL A 26 12.55 7.82 13.34
C VAL A 26 12.67 9.17 14.04
N LEU A 27 13.90 9.75 14.09
CA LEU A 27 14.14 11.07 14.68
C LEU A 27 13.31 12.15 13.98
N ASN A 28 13.23 12.11 12.65
CA ASN A 28 12.47 13.06 11.85
C ASN A 28 10.96 12.91 12.12
N GLY A 29 10.50 11.66 12.25
CA GLY A 29 9.11 11.35 12.57
C GLY A 29 8.72 11.85 13.95
N ALA A 30 9.63 11.67 14.92
CA ALA A 30 9.49 12.10 16.31
C ALA A 30 9.44 13.63 16.42
N VAL A 31 10.27 14.37 15.65
CA VAL A 31 10.27 15.83 15.72
C VAL A 31 9.00 16.39 15.05
N LEU A 32 8.57 15.80 13.93
CA LEU A 32 7.34 16.22 13.25
C LEU A 32 6.07 15.98 14.09
N GLY A 33 6.07 14.92 14.89
CA GLY A 33 5.01 14.58 15.83
C GLY A 33 4.95 15.58 16.96
N LEU A 34 6.13 16.03 17.43
CA LEU A 34 6.26 17.05 18.47
C LEU A 34 5.81 18.42 17.97
N LEU A 35 5.99 18.69 16.66
CA LEU A 35 5.58 19.95 16.02
C LEU A 35 4.04 20.10 15.82
N THR A 36 3.24 19.07 16.17
CA THR A 36 1.77 19.15 16.10
C THR A 36 1.24 19.84 17.37
N ASP A 37 2.12 19.91 18.42
CA ASP A 37 1.86 20.52 19.71
C ASP A 37 1.74 22.02 19.53
N THR A 38 0.52 22.51 19.79
CA THR A 38 0.10 23.90 19.68
C THR A 38 0.73 24.79 20.78
N THR A 39 0.91 24.22 22.00
CA THR A 39 1.42 24.90 23.19
C THR A 39 2.96 25.13 23.22
N LEU A 40 3.72 24.66 22.20
CA LEU A 40 5.18 24.83 22.16
C LEU A 40 5.67 26.27 22.02
N SER A 41 6.77 26.59 22.71
CA SER A 41 7.39 27.92 22.66
C SER A 41 8.11 28.11 21.32
N ALA A 42 8.44 29.37 20.96
CA ALA A 42 9.14 29.73 19.73
C ALA A 42 10.52 29.05 19.61
N SER A 43 11.27 28.99 20.75
CA SER A 43 12.61 28.39 20.84
C SER A 43 12.54 26.88 20.63
N SER A 44 11.58 26.19 21.29
CA SER A 44 11.35 24.76 21.16
C SER A 44 10.96 24.41 19.72
N GLN A 45 10.12 25.26 19.08
CA GLN A 45 9.68 25.08 17.68
C GLN A 45 10.83 25.24 16.70
N ASN A 46 11.66 26.29 16.88
CA ASN A 46 12.83 26.58 16.03
C ASN A 46 13.87 25.46 16.13
N LEU A 47 14.08 24.92 17.35
CA LEU A 47 15.02 23.83 17.63
C LEU A 47 14.61 22.58 16.84
N LEU A 48 13.34 22.15 16.98
CA LEU A 48 12.77 21.00 16.29
C LEU A 48 12.80 21.19 14.77
N GLU A 49 12.57 22.43 14.28
CA GLU A 49 12.60 22.75 12.85
C GLU A 49 14.02 22.60 12.28
N ARG A 50 15.04 22.92 13.10
CA ARG A 50 16.45 22.77 12.74
C ARG A 50 16.82 21.28 12.68
N VAL A 51 16.24 20.45 13.59
CA VAL A 51 16.45 19.00 13.61
C VAL A 51 15.80 18.36 12.34
N ASP A 52 14.70 18.97 11.84
CA ASP A 52 14.02 18.54 10.61
C ASP A 52 14.94 18.82 9.40
N GLN A 53 15.60 19.99 9.39
CA GLN A 53 16.55 20.41 8.35
C GLN A 53 17.77 19.49 8.32
N LEU A 54 18.30 19.14 9.51
CA LEU A 54 19.44 18.24 9.70
C LEU A 54 19.12 16.84 9.16
N CYS A 55 17.93 16.30 9.51
CA CYS A 55 17.45 14.99 9.05
C CYS A 55 17.33 14.98 7.53
N LEU A 56 16.76 16.07 6.96
CA LEU A 56 16.59 16.23 5.51
C LEU A 56 17.92 16.27 4.76
N THR A 57 18.93 17.02 5.26
CA THR A 57 20.25 17.13 4.62
C THR A 57 20.98 15.77 4.61
N ILE A 58 20.84 14.96 5.68
CA ILE A 58 21.42 13.62 5.78
C ILE A 58 20.85 12.75 4.63
N PHE A 59 19.54 12.87 4.36
CA PHE A 59 18.86 12.15 3.28
C PHE A 59 19.36 12.56 1.89
N ILE A 60 19.70 13.87 1.70
CA ILE A 60 20.22 14.39 0.43
C ILE A 60 21.61 13.80 0.17
N VAL A 61 22.45 13.70 1.22
CA VAL A 61 23.80 13.11 1.16
C VAL A 61 23.68 11.62 0.83
N GLU A 62 22.74 10.92 1.52
CA GLU A 62 22.44 9.49 1.33
C GLU A 62 22.05 9.17 -0.12
N ILE A 63 21.10 9.93 -0.70
CA ILE A 63 20.62 9.73 -2.07
C ILE A 63 21.75 10.06 -3.07
N SER A 64 22.50 11.16 -2.82
CA SER A 64 23.63 11.58 -3.66
C SER A 64 24.74 10.52 -3.67
N LEU A 65 24.96 9.84 -2.52
CA LEU A 65 25.94 8.76 -2.40
C LEU A 65 25.49 7.55 -3.21
N LYS A 66 24.15 7.30 -3.24
CA LYS A 66 23.53 6.20 -3.97
C LYS A 66 23.55 6.46 -5.48
N ILE A 67 23.30 7.72 -5.93
CA ILE A 67 23.34 8.08 -7.35
C ILE A 67 24.78 7.94 -7.89
N TYR A 68 25.79 8.16 -7.02
CA TYR A 68 27.20 8.03 -7.37
C TYR A 68 27.61 6.54 -7.48
N ALA A 69 27.47 5.77 -6.38
CA ALA A 69 27.83 4.36 -6.27
C ALA A 69 27.09 3.40 -7.22
N TYR A 70 25.91 3.79 -7.73
CA TYR A 70 25.12 2.93 -8.64
C TYR A 70 24.99 3.47 -10.07
N GLY A 71 25.13 4.78 -10.23
CA GLY A 71 24.94 5.45 -11.51
C GLY A 71 23.53 5.99 -11.59
N VAL A 72 23.27 6.95 -12.49
CA VAL A 72 21.94 7.57 -12.62
C VAL A 72 20.96 6.71 -13.48
N ARG A 73 21.49 5.70 -14.20
CA ARG A 73 20.71 4.84 -15.12
C ARG A 73 19.62 3.95 -14.47
N GLY A 74 19.88 3.11 -13.46
CA GLY A 74 21.07 2.90 -12.64
C GLY A 74 20.54 2.78 -11.23
N PHE A 75 20.46 3.93 -10.54
CA PHE A 75 19.85 4.07 -9.23
C PHE A 75 18.36 4.15 -9.51
N PHE A 76 17.99 4.90 -10.58
CA PHE A 76 16.62 5.10 -11.04
C PHE A 76 15.98 3.84 -11.67
N ARG A 77 16.74 2.73 -11.74
CA ARG A 77 16.26 1.44 -12.25
C ARG A 77 15.30 0.79 -11.25
N SER A 78 15.45 1.11 -9.94
CA SER A 78 14.61 0.61 -8.84
C SER A 78 13.46 1.58 -8.54
N GLY A 79 12.27 1.02 -8.32
CA GLY A 79 11.07 1.78 -7.99
C GLY A 79 11.11 2.38 -6.60
N TRP A 80 11.86 1.72 -5.69
CA TRP A 80 12.05 2.13 -4.30
C TRP A 80 13.05 3.29 -4.20
N ASN A 81 14.01 3.35 -5.13
CA ASN A 81 14.98 4.44 -5.17
C ASN A 81 14.31 5.72 -5.69
N LEU A 82 13.43 5.58 -6.72
CA LEU A 82 12.68 6.68 -7.32
C LEU A 82 11.76 7.30 -6.27
N PHE A 83 11.06 6.45 -5.49
CA PHE A 83 10.16 6.83 -4.42
C PHE A 83 10.93 7.61 -3.35
N ASP A 84 12.10 7.10 -2.93
CA ASP A 84 12.98 7.73 -1.95
C ASP A 84 13.49 9.07 -2.45
N PHE A 85 13.80 9.15 -3.76
CA PHE A 85 14.29 10.36 -4.43
C PHE A 85 13.19 11.41 -4.46
N VAL A 86 11.99 11.05 -4.96
CA VAL A 86 10.82 11.93 -5.07
C VAL A 86 10.45 12.51 -3.70
N ILE A 87 10.42 11.67 -2.64
CA ILE A 87 10.08 12.06 -1.28
C ILE A 87 11.06 13.12 -0.72
N VAL A 88 12.38 12.97 -0.96
CA VAL A 88 13.36 13.95 -0.45
C VAL A 88 13.46 15.18 -1.37
N ALA A 89 13.38 15.00 -2.70
CA ALA A 89 13.47 16.07 -3.69
C ALA A 89 12.29 17.03 -3.62
N ILE A 90 11.07 16.53 -3.30
CA ILE A 90 9.86 17.36 -3.21
C ILE A 90 9.96 18.35 -2.03
N ALA A 91 10.67 17.96 -0.94
CA ALA A 91 10.91 18.76 0.25
C ALA A 91 11.81 19.96 -0.04
N LEU A 92 12.64 19.88 -1.11
CA LEU A 92 13.55 20.94 -1.55
C LEU A 92 12.89 21.93 -2.51
N MET A 93 11.57 21.80 -2.74
CA MET A 93 10.78 22.67 -3.61
C MET A 93 9.82 23.54 -2.78
N PRO A 94 10.20 24.80 -2.46
CA PRO A 94 9.30 25.65 -1.66
C PRO A 94 8.27 26.41 -2.49
N ARG A 103 5.45 19.06 0.69
CA ARG A 103 4.22 19.76 0.33
C ARG A 103 3.25 19.80 1.53
N THR A 104 3.67 20.47 2.64
CA THR A 104 2.99 20.67 3.94
C THR A 104 3.01 19.39 4.80
N PHE A 105 2.61 18.22 4.21
CA PHE A 105 2.59 16.89 4.84
C PHE A 105 3.97 16.18 4.77
N ARG A 106 4.94 16.74 5.51
CA ARG A 106 6.34 16.28 5.63
C ARG A 106 6.45 14.91 6.30
N ILE A 107 5.40 14.51 7.05
CA ILE A 107 5.32 13.25 7.78
C ILE A 107 5.31 12.04 6.83
N PHE A 108 4.89 12.22 5.55
CA PHE A 108 4.87 11.16 4.54
C PHE A 108 6.26 10.59 4.27
N ARG A 109 7.31 11.27 4.78
CA ARG A 109 8.68 10.80 4.62
C ARG A 109 9.02 9.71 5.68
N VAL A 110 8.08 9.39 6.59
CA VAL A 110 8.22 8.29 7.55
C VAL A 110 7.93 6.96 6.77
N MET A 111 7.25 7.07 5.59
CA MET A 111 7.00 5.95 4.66
C MET A 111 8.32 5.35 4.19
N ARG A 112 9.44 6.12 4.28
CA ARG A 112 10.80 5.70 3.92
C ARG A 112 11.25 4.49 4.74
N LEU A 113 10.65 4.26 5.93
CA LEU A 113 10.94 3.11 6.78
C LEU A 113 10.66 1.82 6.01
N VAL A 114 9.58 1.84 5.21
CA VAL A 114 9.15 0.72 4.36
C VAL A 114 10.23 0.42 3.32
N SER A 115 10.68 1.45 2.57
CA SER A 115 11.72 1.31 1.54
C SER A 115 13.10 0.96 2.10
N VAL A 116 13.44 1.49 3.29
CA VAL A 116 14.74 1.28 3.95
C VAL A 116 14.82 -0.10 4.67
N ILE A 117 13.71 -0.62 5.23
CA ILE A 117 13.72 -1.94 5.90
C ILE A 117 13.32 -3.05 4.90
N PRO A 118 14.25 -3.98 4.54
CA PRO A 118 13.95 -5.01 3.51
C PRO A 118 12.72 -5.91 3.77
N THR A 119 12.47 -6.32 5.02
CA THR A 119 11.30 -7.15 5.36
C THR A 119 9.99 -6.37 5.17
N MET A 120 9.98 -5.07 5.52
CA MET A 120 8.80 -4.20 5.35
C MET A 120 8.56 -3.90 3.87
N ARG A 121 9.64 -3.73 3.12
CA ARG A 121 9.66 -3.51 1.68
C ARG A 121 9.02 -4.72 0.97
N ARG A 122 9.35 -5.96 1.42
CA ARG A 122 8.84 -7.20 0.86
C ARG A 122 7.32 -7.40 1.09
N VAL A 123 6.79 -6.95 2.26
CA VAL A 123 5.36 -7.00 2.60
C VAL A 123 4.58 -6.12 1.61
N VAL A 124 5.03 -4.86 1.44
CA VAL A 124 4.42 -3.88 0.54
C VAL A 124 4.51 -4.34 -0.93
N GLN A 125 5.68 -4.83 -1.41
CA GLN A 125 5.76 -5.30 -2.80
C GLN A 125 4.92 -6.55 -3.04
N GLY A 126 4.70 -7.37 -2.02
CA GLY A 126 3.80 -8.51 -2.08
C GLY A 126 2.36 -8.06 -2.28
N MET A 127 1.96 -6.99 -1.55
CA MET A 127 0.64 -6.35 -1.61
C MET A 127 0.40 -5.70 -2.98
N LEU A 128 1.39 -4.97 -3.51
CA LEU A 128 1.31 -4.32 -4.83
C LEU A 128 1.22 -5.33 -5.99
N LEU A 129 2.05 -6.40 -5.96
CA LEU A 129 2.06 -7.44 -7.00
C LEU A 129 0.78 -8.27 -7.01
N ALA A 130 0.04 -8.29 -5.87
CA ALA A 130 -1.21 -9.03 -5.71
C ALA A 130 -2.42 -8.25 -6.25
N LEU A 131 -2.25 -6.92 -6.49
CA LEU A 131 -3.33 -6.03 -6.97
C LEU A 131 -3.78 -6.33 -8.40
N PRO A 132 -2.92 -6.49 -9.44
CA PRO A 132 -3.45 -6.82 -10.78
C PRO A 132 -4.40 -8.03 -10.84
N GLY A 133 -4.11 -9.07 -10.05
CA GLY A 133 -4.91 -10.29 -9.99
C GLY A 133 -6.29 -10.18 -9.37
N VAL A 134 -6.68 -8.98 -8.87
CA VAL A 134 -8.00 -8.74 -8.27
C VAL A 134 -8.78 -7.59 -8.98
N GLY A 135 -8.21 -7.06 -10.06
CA GLY A 135 -8.77 -5.96 -10.84
C GLY A 135 -10.18 -6.16 -11.35
N SER A 136 -10.54 -7.39 -11.74
CA SER A 136 -11.89 -7.71 -12.21
C SER A 136 -12.93 -7.69 -11.09
N VAL A 137 -12.56 -8.09 -9.86
CA VAL A 137 -13.41 -8.08 -8.67
C VAL A 137 -13.61 -6.60 -8.25
N ALA A 138 -12.52 -5.80 -8.27
CA ALA A 138 -12.52 -4.39 -7.92
C ALA A 138 -13.36 -3.57 -8.92
N ALA A 139 -13.31 -3.93 -10.22
CA ALA A 139 -14.10 -3.28 -11.28
C ALA A 139 -15.58 -3.62 -11.08
N LEU A 140 -15.89 -4.87 -10.72
CA LEU A 140 -17.25 -5.33 -10.42
C LEU A 140 -17.82 -4.49 -9.27
N LEU A 141 -17.01 -4.28 -8.21
CA LEU A 141 -17.36 -3.47 -7.07
C LEU A 141 -17.63 -2.02 -7.49
N THR A 142 -16.75 -1.47 -8.34
CA THR A 142 -16.85 -0.13 -8.90
C THR A 142 -18.19 0.01 -9.65
N VAL A 143 -18.51 -0.96 -10.53
CA VAL A 143 -19.74 -1.00 -11.33
C VAL A 143 -20.98 -1.01 -10.43
N VAL A 144 -20.99 -1.87 -9.38
CA VAL A 144 -22.10 -1.98 -8.42
C VAL A 144 -22.30 -0.64 -7.69
N PHE A 145 -21.22 0.00 -7.25
CA PHE A 145 -21.30 1.31 -6.60
C PHE A 145 -21.83 2.38 -7.55
N TYR A 146 -21.31 2.47 -8.79
CA TYR A 146 -21.79 3.46 -9.76
C TYR A 146 -23.29 3.32 -10.04
N ILE A 147 -23.76 2.09 -10.39
CA ILE A 147 -25.15 1.76 -10.66
C ILE A 147 -26.02 2.18 -9.48
N ALA A 148 -25.65 1.73 -8.27
CA ALA A 148 -26.37 2.01 -7.03
C ALA A 148 -26.44 3.49 -6.72
N ALA A 149 -25.33 4.24 -6.96
CA ALA A 149 -25.27 5.69 -6.73
C ALA A 149 -26.24 6.45 -7.63
N VAL A 150 -26.31 6.08 -8.93
CA VAL A 150 -27.25 6.70 -9.89
C VAL A 150 -28.71 6.39 -9.45
N MET A 151 -28.99 5.15 -9.01
CA MET A 151 -30.32 4.73 -8.57
C MET A 151 -30.76 5.50 -7.34
N ALA A 152 -29.90 5.51 -6.29
CA ALA A 152 -30.12 6.20 -5.03
C ALA A 152 -30.34 7.69 -5.21
N THR A 153 -29.59 8.35 -6.12
CA THR A 153 -29.77 9.77 -6.41
C THR A 153 -31.18 10.02 -6.98
N ASN A 154 -31.59 9.24 -8.01
CA ASN A 154 -32.91 9.36 -8.64
C ASN A 154 -34.05 9.00 -7.69
N LEU A 155 -33.90 7.95 -6.90
CA LEU A 155 -34.93 7.49 -5.96
C LEU A 155 -35.14 8.40 -4.75
N TYR A 156 -34.05 8.73 -4.00
CA TYR A 156 -34.09 9.42 -2.72
C TYR A 156 -33.49 10.84 -2.64
N GLY A 157 -32.94 11.35 -3.72
CA GLY A 157 -32.28 12.65 -3.73
C GLY A 157 -33.13 13.86 -3.40
N ALA A 158 -34.39 13.88 -3.87
CA ALA A 158 -35.31 15.00 -3.68
C ALA A 158 -35.90 15.04 -2.26
N THR A 159 -36.00 13.86 -1.62
CA THR A 159 -36.56 13.70 -0.28
C THR A 159 -35.48 13.64 0.80
N PHE A 160 -34.27 13.15 0.45
CA PHE A 160 -33.13 13.04 1.37
C PHE A 160 -31.91 13.71 0.70
N PRO A 161 -31.95 15.05 0.41
CA PRO A 161 -30.81 15.67 -0.29
C PRO A 161 -29.43 15.62 0.39
N GLU A 162 -29.32 15.63 1.75
CA GLU A 162 -28.03 15.60 2.46
C GLU A 162 -27.25 14.30 2.19
N TRP A 163 -27.99 13.16 2.08
CA TRP A 163 -27.47 11.83 1.86
C TRP A 163 -27.48 11.40 0.40
N PHE A 164 -28.45 11.83 -0.42
CA PHE A 164 -28.52 11.38 -1.82
C PHE A 164 -28.73 12.51 -2.85
N GLY A 165 -28.52 13.75 -2.43
CA GLY A 165 -28.73 14.95 -3.24
C GLY A 165 -28.11 14.96 -4.61
N ASP A 166 -26.93 14.38 -4.72
CA ASP A 166 -26.18 14.27 -5.96
C ASP A 166 -25.37 12.97 -5.94
N LEU A 167 -24.68 12.63 -7.04
CA LEU A 167 -23.88 11.43 -7.19
C LEU A 167 -22.81 11.27 -6.11
N SER A 168 -22.10 12.37 -5.83
CA SER A 168 -21.05 12.45 -4.81
C SER A 168 -21.57 12.10 -3.41
N LYS A 169 -22.71 12.71 -3.02
CA LYS A 169 -23.35 12.45 -1.74
C LYS A 169 -23.79 11.01 -1.64
N SER A 170 -24.33 10.45 -2.74
CA SER A 170 -24.79 9.05 -2.82
C SER A 170 -23.63 8.09 -2.71
N LEU A 171 -22.51 8.34 -3.40
CA LEU A 171 -21.33 7.46 -3.31
C LEU A 171 -20.81 7.42 -1.90
N TYR A 172 -20.79 8.57 -1.21
CA TYR A 172 -20.38 8.64 0.20
C TYR A 172 -21.32 7.83 1.13
N THR A 173 -22.65 8.04 1.03
CA THR A 173 -23.64 7.33 1.87
C THR A 173 -23.62 5.82 1.63
N LEU A 174 -23.45 5.40 0.38
CA LEU A 174 -23.38 3.97 0.04
C LEU A 174 -22.12 3.33 0.57
N PHE A 175 -20.99 4.10 0.62
CA PHE A 175 -19.75 3.60 1.22
C PHE A 175 -20.01 3.35 2.74
N GLN A 176 -20.68 4.31 3.44
CA GLN A 176 -21.09 4.23 4.85
C GLN A 176 -22.00 3.00 5.08
N VAL A 177 -22.99 2.80 4.18
CA VAL A 177 -23.93 1.67 4.20
C VAL A 177 -23.17 0.33 4.09
N MET A 178 -22.22 0.22 3.12
CA MET A 178 -21.36 -0.95 2.92
C MET A 178 -20.53 -1.26 4.17
N THR A 179 -20.03 -0.22 4.87
CA THR A 179 -19.26 -0.44 6.11
C THR A 179 -20.19 -0.77 7.29
N LEU A 180 -21.53 -0.79 7.07
CA LEU A 180 -22.59 -1.11 8.06
C LEU A 180 -22.68 -0.08 9.19
N GLU A 181 -22.15 1.12 8.96
CA GLU A 181 -22.14 2.21 9.91
C GLU A 181 -23.46 2.97 9.93
N SER A 182 -24.27 2.78 11.02
CA SER A 182 -25.58 3.41 11.27
C SER A 182 -26.49 3.23 10.06
N TRP A 183 -26.26 2.18 9.28
CA TRP A 183 -27.01 1.98 8.04
C TRP A 183 -28.52 1.97 8.26
N SER A 184 -28.99 1.36 9.37
CA SER A 184 -30.42 1.22 9.65
C SER A 184 -30.96 2.33 10.50
N MET A 185 -30.42 2.51 11.72
CA MET A 185 -30.96 3.55 12.62
C MET A 185 -30.72 4.94 12.07
N GLY A 186 -29.60 5.13 11.37
CA GLY A 186 -29.21 6.42 10.83
C GLY A 186 -29.67 6.75 9.44
N ILE A 187 -29.72 5.78 8.50
CA ILE A 187 -30.07 6.03 7.10
C ILE A 187 -31.40 5.37 6.64
N VAL A 188 -31.51 4.03 6.66
CA VAL A 188 -32.62 3.29 6.05
C VAL A 188 -33.95 3.40 6.86
N ARG A 189 -33.94 3.34 8.22
CA ARG A 189 -35.20 3.52 8.94
C ARG A 189 -35.77 4.91 8.61
N PRO A 190 -34.99 6.04 8.68
CA PRO A 190 -35.51 7.35 8.22
C PRO A 190 -36.03 7.38 6.76
N VAL A 191 -35.35 6.73 5.80
CA VAL A 191 -35.73 6.68 4.37
C VAL A 191 -37.06 5.91 4.19
N MET A 192 -37.23 4.81 4.93
CA MET A 192 -38.45 4.01 4.90
C MET A 192 -39.67 4.74 5.43
N ASN A 193 -39.49 5.82 6.27
CA ASN A 193 -40.63 6.61 6.76
C ASN A 193 -41.33 7.32 5.59
N VAL A 194 -40.58 7.63 4.52
CA VAL A 194 -41.06 8.27 3.29
C VAL A 194 -41.21 7.23 2.15
N HIS A 195 -40.27 6.26 2.01
CA HIS A 195 -40.26 5.23 0.96
C HIS A 195 -40.32 3.85 1.60
N PRO A 196 -41.54 3.34 1.92
CA PRO A 196 -41.65 2.05 2.67
C PRO A 196 -40.94 0.82 2.09
N ASN A 197 -40.64 0.79 0.79
CA ASN A 197 -39.98 -0.37 0.19
C ASN A 197 -38.50 -0.17 -0.03
N ALA A 198 -37.90 0.85 0.64
CA ALA A 198 -36.48 1.17 0.47
C ALA A 198 -35.54 0.02 0.81
N TRP A 199 -35.99 -0.94 1.63
CA TRP A 199 -35.18 -2.10 2.05
C TRP A 199 -34.88 -3.03 0.87
N VAL A 200 -35.73 -3.00 -0.18
CA VAL A 200 -35.60 -3.78 -1.43
C VAL A 200 -34.35 -3.30 -2.19
N PHE A 201 -33.97 -2.03 -1.98
CA PHE A 201 -32.79 -1.47 -2.58
C PHE A 201 -31.58 -1.71 -1.67
N PHE A 202 -31.66 -1.30 -0.38
CA PHE A 202 -30.53 -1.31 0.56
C PHE A 202 -30.07 -2.68 1.06
N ILE A 203 -30.99 -3.61 1.40
CA ILE A 203 -30.59 -4.95 1.89
C ILE A 203 -29.81 -5.70 0.77
N PRO A 204 -30.32 -5.82 -0.49
CA PRO A 204 -29.49 -6.48 -1.54
C PRO A 204 -28.17 -5.75 -1.82
N PHE A 205 -28.14 -4.39 -1.68
CA PHE A 205 -26.93 -3.61 -1.90
C PHE A 205 -25.85 -3.99 -0.86
N ILE A 206 -26.26 -4.11 0.44
CA ILE A 206 -25.41 -4.51 1.56
C ILE A 206 -24.94 -5.93 1.32
N MET A 207 -25.85 -6.83 0.91
CA MET A 207 -25.50 -8.23 0.65
C MET A 207 -24.43 -8.35 -0.43
N LEU A 208 -24.63 -7.65 -1.55
CA LEU A 208 -23.71 -7.64 -2.68
C LEU A 208 -22.32 -7.05 -2.37
N THR A 209 -22.28 -5.83 -1.81
CA THR A 209 -21.05 -5.08 -1.57
C THR A 209 -20.21 -5.63 -0.44
N THR A 210 -20.83 -6.10 0.67
CA THR A 210 -20.04 -6.65 1.78
C THR A 210 -19.37 -7.93 1.32
N PHE A 211 -20.10 -8.75 0.53
CA PHE A 211 -19.58 -9.99 -0.05
C PHE A 211 -18.40 -9.67 -0.99
N THR A 212 -18.57 -8.72 -1.93
CA THR A 212 -17.54 -8.35 -2.90
C THR A 212 -16.28 -7.78 -2.24
N VAL A 213 -16.44 -6.88 -1.24
CA VAL A 213 -15.32 -6.27 -0.53
C VAL A 213 -14.53 -7.34 0.26
N LEU A 214 -15.24 -8.35 0.84
CA LEU A 214 -14.66 -9.49 1.54
C LEU A 214 -13.78 -10.28 0.54
N ASN A 215 -14.37 -10.70 -0.60
CA ASN A 215 -13.73 -11.40 -1.70
C ASN A 215 -12.48 -10.64 -2.20
N LEU A 216 -12.63 -9.33 -2.45
CA LEU A 216 -11.53 -8.46 -2.90
C LEU A 216 -10.35 -8.50 -1.93
N PHE A 217 -10.61 -8.28 -0.63
CA PHE A 217 -9.59 -8.26 0.43
C PHE A 217 -8.97 -9.67 0.68
N ILE A 218 -9.78 -10.75 0.69
CA ILE A 218 -9.29 -12.13 0.84
C ILE A 218 -8.36 -12.49 -0.33
N GLY A 219 -8.76 -12.11 -1.55
CA GLY A 219 -7.98 -12.30 -2.76
C GLY A 219 -6.59 -11.68 -2.66
N ILE A 220 -6.49 -10.42 -2.19
CA ILE A 220 -5.22 -9.70 -2.01
C ILE A 220 -4.42 -10.36 -0.90
N CYS A 221 -5.07 -10.59 0.24
CA CYS A 221 -4.52 -11.18 1.44
C CYS A 221 -3.82 -12.53 1.16
N VAL A 222 -4.49 -13.44 0.45
CA VAL A 222 -3.98 -14.77 0.08
C VAL A 222 -2.81 -14.69 -0.94
N ASP A 223 -2.95 -13.90 -2.02
CA ASP A 223 -1.93 -13.71 -3.06
C ASP A 223 -0.68 -13.03 -2.53
N ALA A 224 -0.85 -11.92 -1.76
CA ALA A 224 0.24 -11.14 -1.17
C ALA A 224 1.12 -11.95 -0.23
N MET A 225 0.51 -12.84 0.58
CA MET A 225 1.23 -13.70 1.51
C MET A 225 2.10 -14.68 0.75
N ALA A 226 1.57 -15.30 -0.32
CA ALA A 226 2.27 -16.26 -1.16
C ALA A 226 3.47 -15.62 -1.88
N ILE A 227 3.30 -14.38 -2.42
CA ILE A 227 4.33 -13.63 -3.12
C ILE A 227 5.47 -13.25 -2.16
N THR A 228 5.13 -12.65 -0.97
CA THR A 228 6.10 -12.24 0.05
C THR A 228 6.93 -13.43 0.56
N LYS A 229 6.27 -14.57 0.78
CA LYS A 229 6.87 -15.82 1.24
C LYS A 229 7.96 -16.29 0.24
N GLU A 230 7.71 -16.13 -1.09
CA GLU A 230 8.67 -16.47 -2.15
C GLU A 230 9.84 -15.49 -2.16
N GLN A 231 9.56 -14.18 -2.07
CA GLN A 231 10.54 -13.08 -2.05
C GLN A 231 11.45 -13.15 -0.84
N GLU A 232 10.89 -13.57 0.32
CA GLU A 232 11.61 -13.73 1.59
C GLU A 232 12.56 -14.95 1.49
N GLU A 233 12.17 -15.98 0.71
CA GLU A 233 12.96 -17.19 0.46
C GLU A 233 14.16 -16.89 -0.42
N GLU A 234 13.93 -16.17 -1.55
CA GLU A 234 14.97 -15.75 -2.51
C GLU A 234 15.96 -14.78 -1.86
N ALA A 235 15.49 -13.97 -0.88
CA ALA A 235 16.31 -13.01 -0.15
C ALA A 235 17.33 -13.72 0.75
N LYS A 236 16.97 -14.92 1.27
CA LYS A 236 17.79 -15.71 2.18
C LYS A 236 18.59 -16.83 1.50
N THR A 237 17.94 -17.61 0.60
CA THR A 237 18.56 -18.77 -0.07
C THR A 237 18.88 -18.56 -1.57
N GLY A 238 18.49 -17.42 -2.14
CA GLY A 238 18.74 -17.12 -3.54
C GLY A 238 17.75 -17.75 -4.50
N HIS A 239 16.80 -18.53 -3.96
CA HIS A 239 15.75 -19.24 -4.70
C HIS A 239 14.51 -19.47 -3.81
N HIS A 240 13.40 -19.93 -4.40
CA HIS A 240 12.17 -20.23 -3.67
C HIS A 240 11.73 -21.70 -3.88
N GLN A 241 10.81 -22.19 -3.02
CA GLN A 241 10.25 -23.54 -3.08
C GLN A 241 9.40 -23.71 -4.34
N GLU A 242 9.70 -24.78 -5.11
CA GLU A 242 8.99 -25.12 -6.35
C GLU A 242 7.53 -25.55 -6.06
N PRO A 243 6.54 -25.20 -6.92
CA PRO A 243 5.14 -25.61 -6.63
C PRO A 243 4.99 -27.13 -6.60
N ILE A 244 4.06 -27.63 -5.76
CA ILE A 244 3.77 -29.05 -5.58
C ILE A 244 3.47 -29.74 -6.93
N SER A 245 2.84 -29.00 -7.87
CA SER A 245 2.53 -29.49 -9.23
C SER A 245 3.81 -29.78 -10.03
N GLN A 246 4.85 -28.93 -9.88
CA GLN A 246 6.14 -29.10 -10.54
C GLN A 246 6.90 -30.32 -10.01
N THR A 247 6.94 -30.49 -8.66
CA THR A 247 7.58 -31.61 -7.96
C THR A 247 6.93 -32.93 -8.38
N LEU A 248 5.58 -32.94 -8.51
CA LEU A 248 4.79 -34.10 -8.95
C LEU A 248 5.04 -34.39 -10.44
N LEU A 249 5.26 -33.34 -11.27
CA LEU A 249 5.56 -33.46 -12.70
C LEU A 249 6.97 -34.02 -12.92
N HIS A 250 7.93 -33.60 -12.07
CA HIS A 250 9.33 -34.06 -12.11
C HIS A 250 9.42 -35.53 -11.71
N LEU A 251 8.58 -35.98 -10.76
CA LEU A 251 8.52 -37.37 -10.32
C LEU A 251 8.00 -38.27 -11.44
N GLY A 252 6.98 -37.77 -12.16
CA GLY A 252 6.37 -38.43 -13.30
C GLY A 252 7.33 -38.62 -14.46
N ASP A 253 8.20 -37.63 -14.69
CA ASP A 253 9.25 -37.64 -15.72
C ASP A 253 10.34 -38.65 -15.36
N ARG A 254 10.63 -38.81 -14.04
CA ARG A 254 11.60 -39.77 -13.52
C ARG A 254 11.09 -41.20 -13.69
N LEU A 255 9.75 -41.39 -13.55
CA LEU A 255 9.06 -42.67 -13.70
C LEU A 255 9.04 -43.12 -15.19
N ASP A 256 9.17 -42.16 -16.12
CA ASP A 256 9.23 -42.41 -17.57
C ASP A 256 10.56 -43.07 -17.91
N ARG A 257 11.68 -42.53 -17.35
CA ARG A 257 13.04 -43.03 -17.53
C ARG A 257 13.22 -44.41 -16.91
N ILE A 258 12.54 -44.68 -15.77
CA ILE A 258 12.58 -45.96 -15.05
C ILE A 258 11.78 -47.03 -15.84
N GLU A 259 10.62 -46.65 -16.41
CA GLU A 259 9.78 -47.54 -17.22
C GLU A 259 10.51 -47.92 -18.53
N LYS A 260 11.28 -46.96 -19.09
CA LYS A 260 12.09 -47.13 -20.31
C LYS A 260 13.28 -48.04 -20.04
N GLN A 261 13.97 -47.85 -18.89
CA GLN A 261 15.12 -48.64 -18.47
C GLN A 261 14.73 -50.08 -18.10
N LEU A 262 13.47 -50.30 -17.67
CA LEU A 262 12.91 -51.60 -17.29
C LEU A 262 12.77 -52.54 -18.49
N ALA A 263 12.51 -51.99 -19.69
CA ALA A 263 12.38 -52.75 -20.94
C ALA A 263 13.77 -53.09 -21.53
N GLN A 264 14.69 -52.09 -21.55
CA GLN A 264 16.06 -52.24 -22.06
C GLN A 264 17.06 -52.35 -20.92
NA NA B . -18.70 -4.24 12.09
NA NA C . -21.23 -0.46 14.00
NA NA D . -22.59 1.59 15.04
C9 2CV E . -33.83 -10.95 5.65
C12 2CV E . -34.60 -9.91 4.84
C15 2CV E . -35.56 -9.06 5.66
C18 2CV E . -36.42 -8.12 4.85
C21 2CV E . -37.67 -7.70 5.58
C24 2CV E . -38.60 -6.84 4.79
C27 2CV E . -39.06 -5.60 5.56
C30 2CV E . -40.51 -5.24 5.29
N33 2CV E . -40.99 -4.09 5.82
O34 2CV E . -41.21 -5.98 4.62
C35 2CV E . -40.16 -3.16 6.61
C36 2CV E . -42.39 -3.68 5.68
C37 2CV E . -42.88 -3.28 4.29
C40 2CV E . -44.03 -2.28 4.37
O47 2CV E . -43.35 -4.42 3.58
O49 2CV E . -44.35 -1.84 3.05
C60 2CV E . -40.42 -3.22 8.10
O63 2CV E . -39.70 -2.19 8.79
C1 2CV E . -32.73 -11.65 4.87
C0 2CV E . -32.03 -12.80 5.59
O37 12P F . -24.18 -12.86 -2.86
C36 12P F . -23.33 -13.06 -3.98
C35 12P F . -24.09 -13.47 -5.20
O34 12P F . -23.24 -13.49 -6.36
C33 12P F . -23.89 -13.02 -7.54
C32 12P F . -23.15 -11.86 -8.14
O31 12P F . -23.88 -11.32 -9.23
C30 12P F . -23.74 -9.90 -9.38
C29 12P F . -25.06 -9.28 -9.74
O28 12P F . -24.91 -7.90 -10.04
C27 12P F . -26.01 -7.09 -9.57
C26 12P F . -25.71 -5.64 -9.80
O25 12P F . -26.75 -4.80 -9.30
C24 12P F . -26.36 -3.44 -9.17
C23 12P F . -27.36 -2.65 -8.38
O22 12P F . -27.27 -2.94 -6.98
C21 12P F . -28.02 -2.05 -6.17
C20 12P F . -29.04 -2.81 -5.39
O19 12P F . -30.04 -3.30 -6.27
C18 12P F . -31.08 -4.02 -5.62
C17 12P F . -32.26 -4.22 -6.52
O16 12P F . -32.86 -2.96 -6.85
C15 12P F . -34.25 -2.91 -6.58
C14 12P F . -34.75 -1.53 -6.74
O13 12P F . -36.02 -1.39 -6.14
C12 12P F . -36.34 -0.05 -5.78
C11 12P F . -37.21 -0.01 -4.57
O10 12P F . -37.72 1.31 -4.39
C9 12P F . -37.77 1.72 -3.02
C8 12P F . -38.12 3.17 -2.92
O7 12P F . -39.37 3.42 -3.56
C6 12P F . -40.24 4.30 -2.85
C5 12P F . -41.46 3.57 -2.28
O4 12P F . -41.10 2.61 -1.30
O1 MES G . -29.58 -9.21 -5.98
C2 MES G . -28.66 -9.14 -4.88
C3 MES G . -28.63 -10.43 -4.10
N4 MES G . -30.01 -10.75 -3.60
C5 MES G . -30.99 -10.75 -4.73
C6 MES G . -30.90 -9.44 -5.49
C7 MES G . -30.02 -12.07 -2.87
C8 MES G . -30.92 -12.05 -1.65
S MES G . -31.59 -13.66 -1.30
O1S MES G . -31.34 -13.89 0.13
O2S MES G . -33.00 -13.59 -1.61
O3S MES G . -30.87 -14.59 -2.14
#